data_9CCW
#
_entry.id   9CCW
#
_cell.length_a   1.00
_cell.length_b   1.00
_cell.length_c   1.00
_cell.angle_alpha   90.00
_cell.angle_beta   90.00
_cell.angle_gamma   90.00
#
_symmetry.space_group_name_H-M   'P 1'
#
loop_
_entity.id
_entity.type
_entity.pdbx_description
1 polymer 'Type 1 fimbiral adhesin FimH'
2 polymer '2C07 light chain'
3 polymer '2C07 heavy chain'
#
loop_
_entity_poly.entity_id
_entity_poly.type
_entity_poly.pdbx_seq_one_letter_code
_entity_poly.pdbx_strand_id
1 'polypeptide(L)'
;FACKTANGTAIPIGGGSANVYVNLAPAVNVGQNLVVDLSTQIFCHNDYPETITDYVTLQRGAAYGGVLSSFSGTVKYNGS
SYPFPTTSETPRVVYNSRTDKPWPVALYLTPVSSAGGVAIKAGSLIAVLILRQTNNYNSDDFQFVWNIYANNDVVVPTGG
CDVSARDVTVTLPDYPGSVPIPLTVYCAKSQNLGYYLSGTTADAGNSIFTNTASFSPAQGVGVQLTRNGTIIPANNTVSL
GAVGTSAVSLGLTANYARTGGQVTAGNVQSIIGVTFVYQ
;
A
2 'polypeptide(L)'
;TGVHSDIVMTQSQKFMSTSVGDRVSVTCKASQNVVTNVAWYQQKSGQSPKVVIYSASFRSSGVPDRFTGSGSGTDFTLTI
SNVQSEDLAEYFCHQYNSHPLTFGGGTKLEIKRTVAAPSVFIFPPSDEQLKSGTASVVCLLNNFYPREAKVQWKVDNALQ
SGNSQESVTEQDSKDSTYSLSSTLTLSKADYEKHKVYACEVTHQGLSSPVTKSFNRGEC
;
B
3 'polypeptide(L)'
;TGVHSEVKLVESGEGLVKPGGSLKLSCAASGFTFSSYAMSWVRQTPEKRLDWVAYISSGGDHIYYADTVKGRFTISRDNA
RNTLYLQMSSLKSEDTAMYYCTRDTGYYVSRYFDVWGTGTTVTVSSASTKGPSVFPLAPSSKSTSGGTAALGCLVKDYFP
EPVTVSWNSGALTSGVHTFPAVLQSSGLYSLSSVVTVPSSSLGTQTYICNVNHKPSNTKVDKKVEPKSCRSLVPRGSSGH
HHHHH
;
C
#
# COMPACT_ATOMS: atom_id res chain seq x y z
N PHE A 1 33.32 -16.92 15.04
CA PHE A 1 32.85 -16.85 13.66
C PHE A 1 31.37 -17.17 13.56
N ALA A 2 30.52 -16.15 13.68
CA ALA A 2 29.08 -16.33 13.61
C ALA A 2 28.55 -16.03 12.21
N CYS A 3 27.30 -16.40 11.99
CA CYS A 3 26.67 -16.20 10.69
C CYS A 3 25.16 -16.13 10.89
N LYS A 4 24.47 -15.59 9.89
CA LYS A 4 23.03 -15.42 9.96
C LYS A 4 22.44 -15.37 8.56
N THR A 5 21.32 -16.05 8.38
CA THR A 5 20.55 -15.99 7.14
C THR A 5 19.56 -14.83 7.21
N ALA A 6 19.29 -14.23 6.04
CA ALA A 6 18.37 -13.10 5.98
C ALA A 6 16.97 -13.46 6.42
N ASN A 7 16.60 -14.73 6.40
CA ASN A 7 15.30 -15.18 6.86
C ASN A 7 15.24 -15.39 8.37
N GLY A 8 16.34 -15.14 9.08
CA GLY A 8 16.40 -15.30 10.51
C GLY A 8 17.14 -16.53 11.00
N THR A 9 17.46 -17.47 10.11
CA THR A 9 18.23 -18.65 10.50
C THR A 9 19.65 -18.26 10.86
N ALA A 10 20.21 -18.94 11.86
CA ALA A 10 21.55 -18.62 12.33
C ALA A 10 22.25 -19.89 12.78
N ILE A 11 23.49 -20.07 12.34
CA ILE A 11 24.34 -21.18 12.74
C ILE A 11 25.30 -20.67 13.80
N PRO A 12 25.34 -21.27 14.99
CA PRO A 12 26.24 -20.77 16.03
C PRO A 12 27.69 -21.11 15.75
N ILE A 13 28.60 -20.60 16.57
CA ILE A 13 30.03 -20.79 16.34
C ILE A 13 30.36 -22.27 16.49
N GLY A 14 30.90 -22.86 15.44
CA GLY A 14 31.31 -24.26 15.48
C GLY A 14 30.98 -25.04 14.23
N GLY A 15 29.90 -24.68 13.55
CA GLY A 15 29.52 -25.34 12.32
C GLY A 15 28.08 -25.78 12.33
N GLY A 16 27.68 -26.40 11.23
CA GLY A 16 26.34 -26.93 11.09
C GLY A 16 25.78 -26.81 9.69
N SER A 17 24.60 -27.38 9.48
CA SER A 17 23.91 -27.33 8.19
C SER A 17 22.62 -26.53 8.35
N ALA A 18 22.43 -25.53 7.49
CA ALA A 18 21.28 -24.65 7.56
C ALA A 18 20.63 -24.55 6.19
N ASN A 19 19.35 -24.19 6.21
CA ASN A 19 18.51 -24.12 5.02
C ASN A 19 18.21 -22.67 4.70
N VAL A 20 18.35 -22.29 3.43
CA VAL A 20 17.98 -20.96 2.96
C VAL A 20 16.90 -21.12 1.90
N TYR A 21 15.95 -20.18 1.88
CA TYR A 21 14.85 -20.18 0.93
C TYR A 21 15.05 -19.00 -0.01
N VAL A 22 15.39 -19.28 -1.27
CA VAL A 22 15.71 -18.24 -2.24
C VAL A 22 14.62 -18.22 -3.31
N ASN A 23 14.39 -17.04 -3.86
CA ASN A 23 13.32 -16.82 -4.83
C ASN A 23 13.90 -16.74 -6.24
N LEU A 24 13.09 -17.15 -7.22
CA LEU A 24 13.52 -17.23 -8.61
C LEU A 24 12.46 -16.66 -9.53
N ALA A 25 12.90 -16.28 -10.72
CA ALA A 25 12.00 -15.66 -11.70
C ALA A 25 10.98 -16.68 -12.21
N PRO A 26 9.74 -16.23 -12.48
CA PRO A 26 8.71 -17.19 -12.94
C PRO A 26 8.96 -17.76 -14.31
N ALA A 27 9.71 -17.07 -15.17
CA ALA A 27 9.93 -17.54 -16.53
C ALA A 27 11.32 -17.15 -16.99
N VAL A 28 12.08 -18.15 -17.46
CA VAL A 28 13.41 -17.95 -18.02
C VAL A 28 13.39 -18.43 -19.45
N ASN A 29 13.68 -17.53 -20.39
CA ASN A 29 13.77 -17.87 -21.80
C ASN A 29 15.11 -18.55 -22.06
N VAL A 30 15.54 -18.60 -23.33
CA VAL A 30 16.79 -19.27 -23.65
C VAL A 30 17.93 -18.50 -22.98
N GLY A 31 18.44 -19.05 -21.89
CA GLY A 31 19.57 -18.55 -21.16
C GLY A 31 19.62 -17.08 -20.79
N GLN A 32 18.79 -16.61 -19.85
CA GLN A 32 19.04 -15.24 -19.42
C GLN A 32 20.11 -15.19 -18.33
N ASN A 33 19.75 -15.47 -17.08
CA ASN A 33 20.76 -15.80 -16.08
C ASN A 33 20.24 -16.76 -15.01
N LEU A 34 18.94 -16.69 -14.72
CA LEU A 34 18.29 -17.32 -13.56
C LEU A 34 19.21 -17.35 -12.35
N VAL A 35 19.63 -16.18 -11.88
CA VAL A 35 20.62 -16.08 -10.83
C VAL A 35 19.94 -16.20 -9.46
N VAL A 36 20.73 -16.52 -8.44
CA VAL A 36 20.25 -16.57 -7.07
C VAL A 36 20.69 -15.35 -6.28
N ASP A 37 21.92 -14.89 -6.48
CA ASP A 37 22.52 -13.76 -5.76
C ASP A 37 22.36 -13.91 -4.25
N LEU A 38 23.03 -14.93 -3.72
CA LEU A 38 23.05 -15.17 -2.27
C LEU A 38 23.80 -14.08 -1.50
N SER A 39 24.27 -13.02 -2.15
CA SER A 39 24.90 -11.88 -1.49
C SER A 39 23.89 -10.95 -0.84
N THR A 40 22.64 -11.39 -0.68
CA THR A 40 21.65 -10.65 0.09
C THR A 40 20.94 -11.55 1.09
N GLN A 41 21.41 -12.78 1.27
CA GLN A 41 20.72 -13.75 2.11
C GLN A 41 21.61 -14.42 3.16
N ILE A 42 22.93 -14.38 3.03
CA ILE A 42 23.84 -14.99 3.99
C ILE A 42 24.84 -13.94 4.45
N PHE A 43 25.03 -13.83 5.75
CA PHE A 43 25.98 -12.86 6.30
C PHE A 43 26.74 -13.51 7.45
N CYS A 44 28.00 -13.87 7.22
CA CYS A 44 28.87 -14.35 8.27
C CYS A 44 29.76 -13.21 8.75
N HIS A 45 30.24 -13.32 9.99
CA HIS A 45 31.13 -12.32 10.55
C HIS A 45 32.04 -12.97 11.59
N ASN A 46 33.05 -12.23 12.01
CA ASN A 46 34.14 -12.73 12.84
C ASN A 46 33.90 -12.35 14.30
N ASP A 47 34.50 -13.12 15.20
CA ASP A 47 34.29 -12.96 16.64
C ASP A 47 35.30 -12.02 17.29
N TYR A 48 36.60 -12.31 17.17
CA TYR A 48 37.65 -11.57 17.87
C TYR A 48 38.70 -11.12 16.87
N PRO A 49 38.43 -10.04 16.12
CA PRO A 49 39.38 -9.59 15.09
C PRO A 49 40.71 -9.09 15.64
N GLU A 50 40.84 -8.93 16.95
CA GLU A 50 42.12 -8.52 17.52
C GLU A 50 43.20 -9.57 17.26
N THR A 51 42.86 -10.85 17.42
CA THR A 51 43.77 -11.95 17.12
C THR A 51 43.21 -12.95 16.13
N ILE A 52 41.88 -13.11 16.05
CA ILE A 52 41.25 -14.13 15.23
C ILE A 52 40.65 -13.45 14.00
N THR A 53 41.20 -13.75 12.83
CA THR A 53 40.72 -13.21 11.56
C THR A 53 40.33 -14.38 10.67
N ASP A 54 39.07 -14.41 10.25
CA ASP A 54 38.52 -15.58 9.58
C ASP A 54 38.81 -15.54 8.09
N TYR A 55 38.86 -16.72 7.47
CA TYR A 55 39.06 -16.85 6.03
C TYR A 55 38.02 -17.83 5.50
N VAL A 56 37.22 -17.37 4.54
CA VAL A 56 36.03 -18.09 4.08
C VAL A 56 36.23 -18.49 2.63
N THR A 57 36.02 -19.77 2.33
CA THR A 57 36.08 -20.30 0.98
C THR A 57 34.81 -21.10 0.71
N LEU A 58 34.55 -21.35 -0.58
CA LEU A 58 33.53 -22.30 -0.99
C LEU A 58 34.21 -23.64 -1.21
N GLN A 59 34.01 -24.57 -0.27
CA GLN A 59 34.71 -25.85 -0.33
C GLN A 59 34.25 -26.69 -1.52
N ARG A 60 32.95 -26.79 -1.74
CA ARG A 60 32.42 -27.63 -2.80
C ARG A 60 31.00 -27.18 -3.11
N GLY A 61 30.50 -27.57 -4.27
CA GLY A 61 29.13 -27.32 -4.64
C GLY A 61 28.44 -28.59 -5.07
N ALA A 62 27.12 -28.54 -5.09
CA ALA A 62 26.33 -29.67 -5.60
C ALA A 62 24.99 -29.14 -6.08
N ALA A 63 24.42 -29.83 -7.07
CA ALA A 63 23.15 -29.44 -7.68
C ALA A 63 22.17 -30.60 -7.63
N TYR A 64 20.88 -30.27 -7.44
CA TYR A 64 19.83 -31.26 -7.32
C TYR A 64 18.55 -30.74 -7.96
N GLY A 65 17.67 -31.66 -8.34
CA GLY A 65 16.34 -31.31 -8.79
C GLY A 65 16.19 -31.15 -10.27
N GLY A 66 15.39 -30.15 -10.69
CA GLY A 66 15.22 -29.87 -12.10
C GLY A 66 16.43 -29.25 -12.77
N VAL A 67 17.38 -28.76 -11.96
CA VAL A 67 18.65 -28.30 -12.51
C VAL A 67 19.39 -29.46 -13.15
N LEU A 68 19.41 -30.61 -12.48
CA LEU A 68 20.01 -31.81 -13.04
C LEU A 68 19.10 -32.54 -14.02
N SER A 69 18.00 -31.91 -14.43
CA SER A 69 17.17 -32.47 -15.50
C SER A 69 17.59 -31.92 -16.85
N SER A 70 17.50 -30.59 -17.03
CA SER A 70 18.09 -29.93 -18.20
C SER A 70 18.38 -28.48 -17.80
N PHE A 71 19.62 -28.24 -17.36
CA PHE A 71 20.06 -26.90 -16.97
C PHE A 71 21.59 -26.91 -16.96
N SER A 72 22.16 -25.70 -16.91
CA SER A 72 23.60 -25.50 -16.81
C SER A 72 23.82 -24.06 -16.37
N GLY A 73 25.08 -23.65 -16.27
CA GLY A 73 25.36 -22.28 -15.86
C GLY A 73 26.71 -22.18 -15.16
N THR A 74 26.86 -21.09 -14.41
CA THR A 74 28.13 -20.78 -13.75
C THR A 74 27.85 -20.29 -12.33
N VAL A 75 28.94 -20.05 -11.60
CA VAL A 75 28.90 -19.60 -10.21
C VAL A 75 29.92 -18.47 -10.04
N LYS A 76 29.51 -17.43 -9.31
CA LYS A 76 30.30 -16.23 -9.06
C LYS A 76 30.81 -16.23 -7.63
N TYR A 77 32.06 -15.81 -7.44
CA TYR A 77 32.57 -15.62 -6.08
C TYR A 77 33.68 -14.56 -6.17
N ASN A 78 33.35 -13.33 -5.80
CA ASN A 78 34.30 -12.24 -5.62
C ASN A 78 35.10 -11.98 -6.91
N GLY A 79 34.37 -11.55 -7.94
CA GLY A 79 34.99 -11.17 -9.20
C GLY A 79 35.67 -12.30 -9.93
N SER A 80 35.04 -13.47 -9.94
CA SER A 80 35.56 -14.63 -10.65
C SER A 80 34.38 -15.37 -11.28
N SER A 81 34.64 -16.55 -11.82
CA SER A 81 33.58 -17.36 -12.41
C SER A 81 34.08 -18.79 -12.54
N TYR A 82 33.24 -19.73 -12.14
CA TYR A 82 33.52 -21.15 -12.23
C TYR A 82 32.30 -21.84 -12.81
N PRO A 83 32.45 -23.03 -13.37
CA PRO A 83 31.27 -23.75 -13.87
C PRO A 83 30.41 -24.34 -12.76
N PHE A 84 29.35 -25.08 -13.13
CA PHE A 84 28.57 -25.85 -12.17
C PHE A 84 29.45 -26.86 -11.45
N PRO A 85 28.95 -27.52 -10.36
CA PRO A 85 29.72 -27.57 -9.09
C PRO A 85 31.23 -27.63 -9.23
N THR A 86 31.90 -26.71 -8.56
CA THR A 86 33.35 -26.54 -8.67
C THR A 86 34.11 -27.84 -8.44
N THR A 87 34.77 -28.34 -9.47
CA THR A 87 35.60 -29.53 -9.35
C THR A 87 36.89 -29.25 -8.61
N SER A 88 37.28 -27.98 -8.51
CA SER A 88 38.45 -27.56 -7.76
C SER A 88 38.02 -26.73 -6.56
N GLU A 89 39.00 -26.27 -5.80
CA GLU A 89 38.75 -25.45 -4.62
C GLU A 89 39.08 -24.00 -4.93
N THR A 90 38.09 -23.12 -4.79
CA THR A 90 38.27 -21.71 -5.01
C THR A 90 39.09 -21.10 -3.87
N PRO A 91 39.78 -19.98 -4.12
CA PRO A 91 40.58 -19.36 -3.06
C PRO A 91 39.77 -18.75 -1.93
N ARG A 92 40.46 -18.16 -0.97
CA ARG A 92 39.86 -17.66 0.26
C ARG A 92 39.58 -16.16 0.18
N VAL A 93 38.62 -15.73 1.00
CA VAL A 93 38.28 -14.32 1.16
C VAL A 93 38.33 -14.00 2.65
N VAL A 94 38.99 -12.90 2.99
CA VAL A 94 39.24 -12.56 4.40
C VAL A 94 37.99 -11.92 4.98
N TYR A 95 37.41 -12.57 5.99
CA TYR A 95 36.37 -11.98 6.82
C TYR A 95 37.03 -11.50 8.11
N ASN A 96 37.05 -10.18 8.30
CA ASN A 96 37.79 -9.58 9.40
C ASN A 96 36.99 -8.43 10.00
N SER A 97 35.67 -8.51 9.93
CA SER A 97 34.82 -7.39 10.31
C SER A 97 33.87 -7.81 11.42
N ARG A 98 33.77 -6.96 12.46
CA ARG A 98 32.73 -7.11 13.48
C ARG A 98 31.46 -6.39 13.04
N THR A 99 30.95 -6.79 11.88
CA THR A 99 29.76 -6.19 11.30
C THR A 99 29.19 -7.15 10.26
N ASP A 100 27.99 -6.83 9.79
CA ASP A 100 27.36 -7.63 8.75
C ASP A 100 28.19 -7.59 7.47
N LYS A 101 28.21 -8.71 6.76
CA LYS A 101 28.98 -8.80 5.53
C LYS A 101 28.35 -9.81 4.58
N PRO A 102 27.73 -9.34 3.51
CA PRO A 102 27.18 -10.27 2.51
C PRO A 102 28.24 -11.19 1.94
N TRP A 103 27.85 -12.44 1.71
CA TRP A 103 28.75 -13.42 1.13
C TRP A 103 28.65 -13.37 -0.39
N PRO A 104 29.71 -12.95 -1.09
CA PRO A 104 29.59 -12.77 -2.54
C PRO A 104 29.55 -14.08 -3.32
N VAL A 105 28.39 -14.74 -3.33
CA VAL A 105 28.18 -15.95 -4.10
C VAL A 105 26.93 -15.78 -4.93
N ALA A 106 26.84 -16.53 -6.03
CA ALA A 106 25.64 -16.55 -6.86
C ALA A 106 25.58 -17.92 -7.54
N LEU A 107 24.61 -18.08 -8.44
CA LEU A 107 24.49 -19.31 -9.22
C LEU A 107 23.73 -18.97 -10.50
N TYR A 108 24.46 -18.83 -11.60
CA TYR A 108 23.87 -18.56 -12.89
C TYR A 108 23.29 -19.84 -13.47
N LEU A 109 22.18 -19.72 -14.18
CA LEU A 109 21.51 -20.88 -14.75
C LEU A 109 21.13 -20.59 -16.19
N THR A 110 20.97 -21.66 -16.96
CA THR A 110 20.59 -21.57 -18.36
C THR A 110 19.98 -22.91 -18.76
N PRO A 111 18.85 -22.91 -19.47
CA PRO A 111 18.19 -24.17 -19.82
C PRO A 111 18.77 -24.77 -21.09
N VAL A 112 19.24 -26.01 -20.99
CA VAL A 112 19.70 -26.76 -22.16
C VAL A 112 18.56 -27.56 -22.78
N SER A 113 17.32 -27.30 -22.39
CA SER A 113 16.18 -28.00 -22.96
C SER A 113 15.95 -27.54 -24.40
N SER A 114 15.19 -28.36 -25.13
CA SER A 114 14.71 -27.99 -26.45
C SER A 114 13.20 -27.80 -26.51
N ALA A 115 12.44 -28.61 -25.77
CA ALA A 115 10.99 -28.42 -25.67
C ALA A 115 10.55 -29.04 -24.35
N GLY A 116 10.32 -28.19 -23.34
CA GLY A 116 9.96 -28.66 -22.02
C GLY A 116 8.97 -27.74 -21.35
N GLY A 117 8.47 -28.21 -20.22
CA GLY A 117 7.46 -27.46 -19.47
C GLY A 117 7.96 -26.90 -18.15
N VAL A 118 7.53 -27.52 -17.05
CA VAL A 118 7.88 -27.01 -15.73
C VAL A 118 9.37 -27.28 -15.45
N ALA A 119 9.94 -26.48 -14.55
CA ALA A 119 11.33 -26.62 -14.18
C ALA A 119 11.54 -26.06 -12.79
N ILE A 120 12.67 -26.42 -12.19
CA ILE A 120 13.04 -26.05 -10.82
C ILE A 120 11.96 -26.51 -9.84
N LYS A 121 12.10 -27.72 -9.32
CA LYS A 121 11.08 -28.33 -8.46
C LYS A 121 10.83 -27.48 -7.23
N ALA A 122 9.57 -27.07 -7.06
CA ALA A 122 9.21 -26.17 -5.97
C ALA A 122 9.39 -26.86 -4.62
N GLY A 123 9.90 -26.11 -3.65
CA GLY A 123 10.07 -26.61 -2.30
C GLY A 123 11.17 -27.64 -2.18
N SER A 124 11.90 -27.88 -3.26
CA SER A 124 12.95 -28.89 -3.29
C SER A 124 14.29 -28.23 -2.98
N LEU A 125 15.37 -28.99 -3.11
CA LEU A 125 16.71 -28.50 -2.85
C LEU A 125 17.38 -28.21 -4.19
N ILE A 126 17.66 -26.93 -4.45
CA ILE A 126 18.29 -26.54 -5.70
C ILE A 126 19.77 -26.93 -5.70
N ALA A 127 20.48 -26.54 -4.66
CA ALA A 127 21.93 -26.71 -4.60
C ALA A 127 22.37 -26.83 -3.16
N VAL A 128 23.62 -27.23 -2.98
CA VAL A 128 24.27 -27.22 -1.67
C VAL A 128 25.65 -26.59 -1.82
N LEU A 129 25.93 -25.59 -0.96
CA LEU A 129 27.24 -25.00 -0.82
C LEU A 129 27.81 -25.40 0.54
N ILE A 130 29.12 -25.42 0.64
CA ILE A 130 29.81 -25.80 1.88
C ILE A 130 30.82 -24.70 2.15
N LEU A 131 30.47 -23.77 3.03
CA LEU A 131 31.36 -22.72 3.47
C LEU A 131 32.47 -23.31 4.32
N ARG A 132 33.68 -23.39 3.78
CA ARG A 132 34.83 -23.80 4.55
C ARG A 132 35.46 -22.58 5.20
N GLN A 133 35.82 -22.70 6.47
CA GLN A 133 36.38 -21.58 7.20
C GLN A 133 37.68 -22.01 7.86
N THR A 134 38.73 -21.22 7.67
CA THR A 134 40.00 -21.40 8.35
C THR A 134 40.37 -20.10 9.05
N ASN A 135 41.49 -20.10 9.75
CA ASN A 135 41.89 -18.93 10.51
C ASN A 135 43.40 -18.77 10.45
N ASN A 136 43.90 -17.75 11.14
CA ASN A 136 45.34 -17.47 11.22
C ASN A 136 45.90 -17.77 12.60
N TYR A 137 45.11 -18.41 13.46
CA TYR A 137 45.55 -18.71 14.82
C TYR A 137 45.37 -20.17 15.22
N ASN A 138 44.45 -20.90 14.60
CA ASN A 138 44.17 -22.27 14.99
C ASN A 138 43.89 -23.07 13.74
N SER A 139 43.96 -24.39 13.85
CA SER A 139 43.66 -25.31 12.76
C SER A 139 42.17 -25.54 12.58
N ASP A 140 41.34 -24.61 13.07
CA ASP A 140 39.89 -24.68 12.96
C ASP A 140 39.46 -24.95 11.53
N ASP A 141 38.73 -26.05 11.35
CA ASP A 141 38.27 -26.49 10.03
C ASP A 141 36.86 -27.03 10.19
N PHE A 142 35.86 -26.21 9.83
CA PHE A 142 34.47 -26.63 9.90
C PHE A 142 33.80 -26.48 8.55
N GLN A 143 32.50 -26.74 8.49
CA GLN A 143 31.73 -26.64 7.24
C GLN A 143 30.37 -26.04 7.56
N PHE A 144 30.18 -24.77 7.22
CA PHE A 144 28.85 -24.16 7.26
C PHE A 144 28.13 -24.64 6.00
N VAL A 145 27.37 -25.72 6.12
CA VAL A 145 26.64 -26.25 4.99
C VAL A 145 25.40 -25.38 4.78
N TRP A 146 25.22 -24.89 3.57
CA TRP A 146 24.04 -24.12 3.20
C TRP A 146 23.29 -24.88 2.12
N ASN A 147 21.98 -25.03 2.30
CA ASN A 147 21.14 -25.75 1.36
C ASN A 147 20.18 -24.76 0.71
N ILE A 148 20.26 -24.65 -0.62
CA ILE A 148 19.42 -23.73 -1.38
C ILE A 148 18.08 -24.40 -1.62
N TYR A 149 16.99 -23.74 -1.22
CA TYR A 149 15.65 -24.27 -1.37
C TYR A 149 14.90 -23.47 -2.42
N ALA A 150 14.33 -24.17 -3.39
CA ALA A 150 13.53 -23.51 -4.41
C ALA A 150 12.26 -22.94 -3.79
N ASN A 151 11.81 -21.79 -4.31
CA ASN A 151 10.65 -21.11 -3.77
C ASN A 151 9.49 -21.17 -4.75
N ASN A 152 9.75 -21.39 -6.03
CA ASN A 152 8.70 -21.40 -7.04
C ASN A 152 9.10 -22.39 -8.14
N ASP A 153 8.09 -22.87 -8.87
CA ASP A 153 8.30 -23.69 -10.06
C ASP A 153 8.48 -22.75 -11.25
N VAL A 154 9.69 -22.72 -11.80
CA VAL A 154 9.99 -21.86 -12.94
C VAL A 154 9.51 -22.54 -14.22
N VAL A 155 8.74 -21.82 -15.02
CA VAL A 155 8.11 -22.38 -16.21
C VAL A 155 8.92 -21.96 -17.44
N VAL A 156 9.42 -22.94 -18.17
CA VAL A 156 10.10 -22.68 -19.45
C VAL A 156 9.05 -22.26 -20.48
N PRO A 157 9.34 -21.28 -21.34
CA PRO A 157 8.38 -20.90 -22.38
C PRO A 157 7.96 -22.10 -23.24
N THR A 158 6.71 -22.05 -23.70
CA THR A 158 6.06 -23.22 -24.30
C THR A 158 6.55 -23.42 -25.74
N GLY A 159 5.89 -24.33 -26.45
CA GLY A 159 6.29 -24.64 -27.80
C GLY A 159 5.99 -23.50 -28.77
N GLY A 160 6.71 -23.52 -29.88
CA GLY A 160 6.60 -22.50 -30.90
C GLY A 160 7.97 -22.19 -31.46
N CYS A 161 8.02 -21.13 -32.28
CA CYS A 161 9.25 -20.68 -32.94
C CYS A 161 9.87 -21.81 -33.77
N ASP A 162 9.05 -22.38 -34.64
CA ASP A 162 9.45 -23.52 -35.44
C ASP A 162 9.09 -23.26 -36.90
N VAL A 163 9.84 -23.89 -37.80
CA VAL A 163 9.63 -23.75 -39.23
C VAL A 163 9.62 -25.14 -39.86
N SER A 164 9.04 -25.23 -41.05
CA SER A 164 8.96 -26.49 -41.77
C SER A 164 10.34 -26.97 -42.21
N ASP B 6 16.11 -2.75 6.96
CA ASP B 6 15.37 -3.32 5.84
C ASP B 6 16.01 -2.94 4.51
N ILE B 7 15.24 -3.11 3.44
CA ILE B 7 15.62 -2.65 2.11
C ILE B 7 14.52 -1.67 1.70
N VAL B 8 14.81 -0.38 1.82
CA VAL B 8 13.80 0.64 1.55
C VAL B 8 13.60 0.74 0.04
N MET B 9 12.35 0.63 -0.40
CA MET B 9 12.06 0.52 -1.83
C MET B 9 11.64 1.92 -2.24
N THR B 10 12.59 2.85 -2.20
CA THR B 10 12.29 4.28 -2.29
C THR B 10 11.69 4.63 -3.65
N GLN B 11 10.72 5.55 -3.63
CA GLN B 11 10.01 5.96 -4.83
C GLN B 11 9.48 7.37 -4.61
N SER B 12 9.39 8.14 -5.70
CA SER B 12 9.07 9.57 -5.70
C SER B 12 7.86 9.90 -4.82
N GLN B 13 8.07 10.79 -3.86
CA GLN B 13 7.02 11.19 -2.92
C GLN B 13 6.17 12.33 -3.49
N LYS B 14 5.65 12.09 -4.69
CA LYS B 14 4.77 13.04 -5.38
C LYS B 14 4.05 12.26 -6.47
N PHE B 15 3.19 12.93 -7.22
CA PHE B 15 2.56 12.36 -8.40
C PHE B 15 3.32 12.78 -9.65
N MET B 16 3.02 12.10 -10.75
CA MET B 16 3.65 12.38 -12.03
C MET B 16 2.59 12.86 -13.01
N SER B 17 2.75 14.09 -13.50
CA SER B 17 1.75 14.69 -14.38
C SER B 17 1.74 13.98 -15.73
N THR B 18 0.54 13.69 -16.22
CA THR B 18 0.39 13.03 -17.52
C THR B 18 -1.01 13.25 -18.08
N SER B 19 -1.11 13.93 -19.22
CA SER B 19 -2.38 14.08 -19.89
C SER B 19 -2.74 12.79 -20.61
N VAL B 20 -3.99 12.72 -21.09
CA VAL B 20 -4.41 11.52 -21.81
C VAL B 20 -3.63 11.40 -23.11
N GLY B 21 -3.43 10.15 -23.55
CA GLY B 21 -2.67 9.88 -24.74
C GLY B 21 -1.16 9.89 -24.58
N ASP B 22 -0.65 10.06 -23.37
CA ASP B 22 0.78 10.15 -23.13
C ASP B 22 1.32 8.82 -22.63
N ARG B 23 2.62 8.81 -22.31
CA ARG B 23 3.29 7.64 -21.76
C ARG B 23 3.64 7.90 -20.30
N VAL B 24 3.35 6.94 -19.44
CA VAL B 24 3.59 7.07 -18.01
C VAL B 24 4.82 6.26 -17.65
N SER B 25 5.77 6.89 -16.98
CA SER B 25 6.94 6.21 -16.43
C SER B 25 6.98 6.48 -14.93
N VAL B 26 7.07 5.41 -14.14
CA VAL B 26 6.99 5.50 -12.70
C VAL B 26 8.24 4.87 -12.11
N THR B 27 8.96 5.62 -11.28
CA THR B 27 10.23 5.22 -10.72
C THR B 27 10.04 4.43 -9.44
N CYS B 28 11.06 3.63 -9.10
CA CYS B 28 11.09 2.90 -7.84
C CYS B 28 12.54 2.51 -7.59
N LYS B 29 13.07 2.84 -6.41
CA LYS B 29 14.50 2.79 -6.14
C LYS B 29 14.78 1.92 -4.92
N ALA B 30 15.74 1.01 -5.03
CA ALA B 30 16.15 0.16 -3.93
C ALA B 30 17.49 0.61 -3.38
N SER B 31 17.57 0.77 -2.06
CA SER B 31 18.84 1.11 -1.45
C SER B 31 19.81 -0.05 -1.49
N GLN B 32 19.35 -1.24 -1.11
CA GLN B 32 20.15 -2.45 -1.15
C GLN B 32 19.80 -3.28 -2.38
N ASN B 33 20.69 -4.20 -2.71
CA ASN B 33 20.59 -4.96 -3.96
C ASN B 33 19.47 -5.97 -3.85
N VAL B 34 18.31 -5.63 -4.38
CA VAL B 34 17.26 -6.61 -4.65
C VAL B 34 17.60 -7.28 -5.97
N VAL B 35 17.59 -8.62 -5.97
CA VAL B 35 18.07 -9.37 -7.13
C VAL B 35 17.21 -9.05 -8.36
N THR B 36 15.95 -9.43 -8.29
CA THR B 36 14.98 -9.21 -9.37
C THR B 36 13.60 -9.40 -8.78
N ASN B 37 12.58 -9.59 -9.63
CA ASN B 37 11.24 -9.95 -9.21
C ASN B 37 10.63 -8.88 -8.29
N VAL B 38 10.39 -7.72 -8.90
CA VAL B 38 9.68 -6.62 -8.25
C VAL B 38 8.26 -6.58 -8.82
N ALA B 39 7.27 -6.53 -7.93
CA ALA B 39 5.86 -6.53 -8.33
C ALA B 39 5.32 -5.12 -8.45
N TRP B 40 4.31 -4.97 -9.31
CA TRP B 40 3.66 -3.70 -9.59
C TRP B 40 2.15 -3.90 -9.62
N TYR B 41 1.45 -3.14 -8.79
CA TYR B 41 0.00 -3.21 -8.65
C TYR B 41 -0.63 -1.87 -8.99
N GLN B 42 -1.92 -1.91 -9.30
CA GLN B 42 -2.72 -0.72 -9.61
C GLN B 42 -3.86 -0.66 -8.60
N GLN B 43 -3.82 0.34 -7.70
CA GLN B 43 -4.82 0.51 -6.67
C GLN B 43 -5.57 1.82 -6.89
N LYS B 44 -6.90 1.74 -6.96
CA LYS B 44 -7.73 2.91 -7.17
C LYS B 44 -8.04 3.58 -5.84
N SER B 45 -8.98 4.52 -5.83
CA SER B 45 -9.29 5.31 -4.65
C SER B 45 -9.96 4.41 -3.60
N GLY B 46 -9.20 4.02 -2.59
CA GLY B 46 -9.72 3.23 -1.49
C GLY B 46 -10.27 1.88 -1.90
N GLN B 47 -9.56 1.17 -2.77
CA GLN B 47 -10.02 -0.11 -3.30
C GLN B 47 -8.90 -1.14 -3.19
N SER B 48 -9.15 -2.32 -3.73
CA SER B 48 -8.21 -3.42 -3.64
C SER B 48 -7.12 -3.28 -4.71
N PRO B 49 -5.84 -3.31 -4.35
CA PRO B 49 -4.79 -3.42 -5.37
C PRO B 49 -4.97 -4.68 -6.20
N LYS B 50 -4.58 -4.58 -7.47
CA LYS B 50 -4.71 -5.69 -8.41
C LYS B 50 -3.32 -6.04 -8.95
N VAL B 51 -3.04 -7.33 -9.05
CA VAL B 51 -1.76 -7.78 -9.59
C VAL B 51 -1.67 -7.36 -11.05
N VAL B 52 -0.63 -6.61 -11.39
CA VAL B 52 -0.54 -6.09 -12.75
C VAL B 52 0.71 -6.61 -13.44
N ILE B 53 1.89 -6.21 -12.95
CA ILE B 53 3.16 -6.63 -13.52
C ILE B 53 3.93 -7.35 -12.40
N TYR B 54 3.91 -8.68 -12.39
CA TYR B 54 4.71 -9.41 -11.44
C TYR B 54 6.12 -9.59 -11.99
N SER B 55 7.10 -9.50 -11.09
CA SER B 55 8.53 -9.64 -11.39
C SER B 55 9.05 -8.55 -12.33
N ALA B 56 8.29 -7.46 -12.48
CA ALA B 56 8.67 -6.26 -13.23
C ALA B 56 8.90 -6.53 -14.71
N SER B 57 8.61 -7.73 -15.21
CA SER B 57 8.84 -8.03 -16.61
C SER B 57 7.72 -8.80 -17.30
N PHE B 58 6.76 -9.36 -16.57
CA PHE B 58 5.71 -10.16 -17.18
C PHE B 58 4.34 -9.63 -16.76
N ARG B 59 3.39 -9.70 -17.69
CA ARG B 59 2.04 -9.21 -17.45
C ARG B 59 1.21 -10.23 -16.69
N SER B 60 0.17 -9.75 -16.02
CA SER B 60 -0.80 -10.59 -15.33
C SER B 60 -2.08 -10.70 -16.14
N SER B 61 -2.83 -11.76 -15.90
CA SER B 61 -4.10 -11.95 -16.59
C SER B 61 -5.09 -10.87 -16.18
N GLY B 62 -5.88 -10.41 -17.15
CA GLY B 62 -6.81 -9.33 -16.92
C GLY B 62 -6.21 -7.95 -17.05
N VAL B 63 -4.90 -7.86 -17.29
CA VAL B 63 -4.18 -6.60 -17.38
C VAL B 63 -3.91 -6.32 -18.87
N PRO B 64 -4.26 -5.15 -19.39
CA PRO B 64 -4.12 -4.90 -20.83
C PRO B 64 -2.67 -4.81 -21.25
N ASP B 65 -2.46 -4.94 -22.57
CA ASP B 65 -1.13 -4.90 -23.16
C ASP B 65 -0.51 -3.51 -23.15
N ARG B 66 -1.27 -2.48 -22.81
CA ARG B 66 -0.71 -1.14 -22.64
C ARG B 66 0.15 -1.03 -21.39
N PHE B 67 0.14 -2.05 -20.53
CA PHE B 67 0.97 -2.12 -19.34
C PHE B 67 2.29 -2.83 -19.67
N THR B 68 3.37 -2.34 -19.08
CA THR B 68 4.62 -3.11 -19.01
C THR B 68 5.54 -2.43 -17.99
N GLY B 69 6.78 -2.90 -17.91
CA GLY B 69 7.73 -2.32 -16.98
C GLY B 69 9.07 -3.01 -17.13
N SER B 70 10.04 -2.51 -16.37
CA SER B 70 11.39 -3.04 -16.43
C SER B 70 12.11 -2.67 -15.14
N GLY B 71 13.39 -3.01 -15.07
CA GLY B 71 14.20 -2.68 -13.91
C GLY B 71 14.94 -3.89 -13.37
N SER B 72 16.08 -3.61 -12.73
CA SER B 72 16.89 -4.63 -12.11
C SER B 72 17.82 -3.94 -11.12
N GLY B 73 18.67 -4.74 -10.47
CA GLY B 73 19.65 -4.20 -9.54
C GLY B 73 19.01 -3.41 -8.43
N THR B 74 19.13 -2.08 -8.50
CA THR B 74 18.52 -1.20 -7.53
C THR B 74 17.40 -0.33 -8.08
N ASP B 75 17.24 -0.27 -9.41
CA ASP B 75 16.32 0.66 -10.03
C ASP B 75 15.27 -0.10 -10.84
N PHE B 76 13.99 0.25 -10.64
CA PHE B 76 12.87 -0.36 -11.33
C PHE B 76 11.92 0.73 -11.80
N THR B 77 11.14 0.42 -12.83
CA THR B 77 10.26 1.39 -13.45
C THR B 77 9.05 0.67 -14.02
N LEU B 78 7.88 1.29 -13.89
CA LEU B 78 6.64 0.84 -14.50
C LEU B 78 6.27 1.79 -15.63
N THR B 79 5.62 1.27 -16.68
CA THR B 79 5.29 2.11 -17.81
C THR B 79 3.92 1.79 -18.40
N ILE B 80 3.22 2.86 -18.73
CA ILE B 80 1.94 2.85 -19.43
C ILE B 80 2.18 3.41 -20.82
N SER B 81 1.86 2.61 -21.85
CA SER B 81 2.02 3.07 -23.23
C SER B 81 1.04 4.19 -23.54
N ASN B 82 -0.25 3.97 -23.25
CA ASN B 82 -1.27 4.98 -23.49
C ASN B 82 -2.20 5.04 -22.28
N VAL B 83 -2.48 6.27 -21.85
CA VAL B 83 -3.26 6.52 -20.64
C VAL B 83 -4.70 6.76 -21.06
N GLN B 84 -5.58 5.82 -20.75
CA GLN B 84 -7.01 6.02 -20.92
C GLN B 84 -7.57 6.76 -19.70
N SER B 85 -8.87 7.04 -19.74
CA SER B 85 -9.49 7.88 -18.71
C SER B 85 -9.49 7.18 -17.35
N GLU B 86 -9.77 5.88 -17.32
CA GLU B 86 -9.99 5.18 -16.06
C GLU B 86 -8.71 4.61 -15.44
N ASP B 87 -7.59 4.66 -16.15
CA ASP B 87 -6.38 4.02 -15.65
C ASP B 87 -5.74 4.77 -14.49
N LEU B 88 -6.12 6.02 -14.27
CA LEU B 88 -5.35 6.89 -13.39
C LEU B 88 -5.71 6.65 -11.94
N ALA B 89 -4.70 6.27 -11.15
CA ALA B 89 -4.86 5.88 -9.75
C ALA B 89 -3.50 5.82 -9.08
N GLU B 90 -3.45 5.27 -7.86
CA GLU B 90 -2.18 5.00 -7.21
C GLU B 90 -1.59 3.71 -7.76
N TYR B 91 -0.26 3.68 -7.89
CA TYR B 91 0.44 2.55 -8.48
C TYR B 91 1.61 2.15 -7.59
N PHE B 92 1.67 0.86 -7.25
CA PHE B 92 2.50 0.41 -6.13
C PHE B 92 3.58 -0.54 -6.61
N CYS B 93 4.82 -0.26 -6.22
CA CYS B 93 5.97 -1.14 -6.46
C CYS B 93 6.34 -1.87 -5.18
N HIS B 94 6.90 -3.07 -5.34
CA HIS B 94 7.13 -3.91 -4.17
C HIS B 94 8.27 -4.89 -4.44
N GLN B 95 9.06 -5.16 -3.41
CA GLN B 95 10.12 -6.16 -3.46
C GLN B 95 9.82 -7.30 -2.51
N TYR B 96 10.21 -8.53 -2.90
CA TYR B 96 10.00 -9.69 -2.04
C TYR B 96 11.19 -10.65 -2.09
N ASN B 97 12.40 -10.14 -2.31
CA ASN B 97 13.58 -11.00 -2.35
C ASN B 97 14.48 -10.87 -1.14
N SER B 98 14.03 -10.20 -0.08
CA SER B 98 14.80 -10.12 1.17
C SER B 98 13.82 -9.83 2.30
N HIS B 99 13.75 -10.75 3.26
CA HIS B 99 12.87 -10.55 4.40
C HIS B 99 13.48 -9.51 5.34
N PRO B 100 12.67 -8.57 5.85
CA PRO B 100 11.23 -8.40 5.66
C PRO B 100 10.87 -7.77 4.32
N LEU B 101 9.93 -8.37 3.60
CA LEU B 101 9.51 -7.85 2.31
C LEU B 101 8.64 -6.60 2.51
N THR B 102 9.03 -5.52 1.85
CA THR B 102 8.44 -4.20 2.05
C THR B 102 8.01 -3.61 0.71
N PHE B 103 6.90 -2.88 0.75
CA PHE B 103 6.34 -2.26 -0.44
C PHE B 103 6.97 -0.91 -0.72
N GLY B 104 6.67 -0.36 -1.90
CA GLY B 104 7.06 0.99 -2.24
C GLY B 104 6.02 2.01 -1.82
N GLY B 105 6.38 3.28 -1.99
CA GLY B 105 5.52 4.37 -1.56
C GLY B 105 4.26 4.52 -2.37
N GLY B 106 4.21 3.95 -3.57
CA GLY B 106 3.08 4.13 -4.45
C GLY B 106 3.16 5.41 -5.24
N THR B 107 2.65 5.42 -6.45
CA THR B 107 2.71 6.60 -7.31
C THR B 107 1.32 6.96 -7.82
N LYS B 108 0.95 8.23 -7.64
CA LYS B 108 -0.36 8.75 -8.01
C LYS B 108 -0.35 9.25 -9.44
N LEU B 109 -1.35 8.85 -10.22
CA LEU B 109 -1.46 9.23 -11.62
C LEU B 109 -2.41 10.43 -11.73
N GLU B 110 -1.91 11.51 -12.32
CA GLU B 110 -2.66 12.77 -12.43
C GLU B 110 -2.83 13.17 -13.89
N ILE B 111 -4.05 13.56 -14.25
CA ILE B 111 -4.32 14.10 -15.57
C ILE B 111 -3.92 15.58 -15.61
N LYS B 112 -3.47 16.03 -16.77
CA LYS B 112 -3.17 17.44 -17.00
C LYS B 112 -4.30 18.03 -17.84
N ARG B 113 -5.04 18.99 -17.26
CA ARG B 113 -6.18 19.59 -17.92
C ARG B 113 -6.15 21.09 -17.68
N THR B 114 -7.16 21.79 -18.22
CA THR B 114 -7.21 23.24 -18.16
C THR B 114 -7.42 23.73 -16.74
N VAL B 115 -7.01 24.98 -16.50
CA VAL B 115 -7.19 25.59 -15.20
C VAL B 115 -8.66 25.91 -14.98
N ALA B 116 -9.19 25.49 -13.82
CA ALA B 116 -10.56 25.78 -13.42
C ALA B 116 -10.51 26.47 -12.06
N ALA B 117 -10.74 27.79 -12.07
CA ALA B 117 -10.70 28.55 -10.83
C ALA B 117 -11.81 28.06 -9.89
N PRO B 118 -11.54 27.97 -8.59
CA PRO B 118 -12.52 27.36 -7.68
C PRO B 118 -13.78 28.20 -7.52
N SER B 119 -14.92 27.51 -7.50
CA SER B 119 -16.17 28.12 -7.08
C SER B 119 -16.18 28.14 -5.56
N VAL B 120 -16.08 29.34 -4.98
CA VAL B 120 -15.83 29.52 -3.55
C VAL B 120 -17.10 30.02 -2.88
N PHE B 121 -17.36 29.51 -1.68
CA PHE B 121 -18.57 29.81 -0.94
C PHE B 121 -18.29 29.73 0.55
N ILE B 122 -19.13 30.39 1.33
CA ILE B 122 -19.01 30.40 2.79
C ILE B 122 -20.40 30.25 3.40
N PHE B 123 -20.47 29.52 4.52
CA PHE B 123 -21.74 29.40 5.22
C PHE B 123 -21.52 29.30 6.72
N PRO B 124 -22.09 30.21 7.51
CA PRO B 124 -22.22 29.99 8.97
C PRO B 124 -23.60 29.46 9.35
N PRO B 125 -24.08 28.33 8.80
CA PRO B 125 -25.48 27.98 9.06
C PRO B 125 -25.61 27.08 10.28
N SER B 126 -25.06 27.50 11.41
CA SER B 126 -24.99 26.62 12.57
C SER B 126 -25.63 27.35 13.75
N ASP B 127 -26.92 27.12 13.94
CA ASP B 127 -27.66 27.59 15.10
C ASP B 127 -28.40 26.47 15.82
N GLU B 128 -28.63 25.34 15.14
CA GLU B 128 -29.29 24.21 15.78
C GLU B 128 -28.45 23.65 16.93
N GLN B 129 -27.14 23.56 16.73
CA GLN B 129 -26.24 23.08 17.77
C GLN B 129 -25.68 24.20 18.64
N LEU B 130 -26.18 25.43 18.47
CA LEU B 130 -25.71 26.55 19.29
C LEU B 130 -26.00 26.35 20.77
N LYS B 131 -27.02 25.55 21.11
CA LYS B 131 -27.25 25.19 22.51
C LYS B 131 -26.10 24.38 23.09
N SER B 132 -25.44 23.56 22.27
CA SER B 132 -24.26 22.84 22.71
C SER B 132 -23.06 23.75 22.90
N GLY B 133 -23.09 24.97 22.37
CA GLY B 133 -22.01 25.90 22.57
C GLY B 133 -20.89 25.82 21.54
N THR B 134 -21.23 25.60 20.27
CA THR B 134 -20.23 25.46 19.22
C THR B 134 -20.84 25.93 17.91
N ALA B 135 -20.00 26.55 17.06
CA ALA B 135 -20.39 26.93 15.72
C ALA B 135 -19.35 26.41 14.73
N SER B 136 -19.83 25.74 13.69
CA SER B 136 -18.98 25.16 12.66
C SER B 136 -19.23 25.90 11.35
N VAL B 137 -18.41 26.92 11.09
CA VAL B 137 -18.48 27.62 9.82
C VAL B 137 -17.85 26.75 8.74
N VAL B 138 -18.55 26.59 7.62
CA VAL B 138 -18.09 25.73 6.54
C VAL B 138 -17.82 26.60 5.32
N CYS B 139 -16.56 26.62 4.89
CA CYS B 139 -16.17 27.23 3.64
C CYS B 139 -16.05 26.10 2.61
N LEU B 140 -16.42 26.38 1.37
CA LEU B 140 -16.64 25.32 0.39
C LEU B 140 -16.17 25.77 -0.99
N LEU B 141 -15.19 25.06 -1.54
CA LEU B 141 -14.70 25.31 -2.88
C LEU B 141 -14.95 24.06 -3.71
N ASN B 142 -15.63 24.21 -4.84
CA ASN B 142 -16.09 23.02 -5.55
C ASN B 142 -15.58 22.95 -6.98
N ASN B 143 -15.17 21.75 -7.38
CA ASN B 143 -14.79 21.39 -8.76
C ASN B 143 -13.77 22.37 -9.34
N PHE B 144 -12.62 22.43 -8.69
CA PHE B 144 -11.54 23.31 -9.10
C PHE B 144 -10.41 22.54 -9.76
N TYR B 145 -9.48 23.30 -10.34
CA TYR B 145 -8.29 22.75 -10.95
C TYR B 145 -7.17 23.73 -10.66
N PRO B 146 -6.02 23.28 -10.17
CA PRO B 146 -5.64 21.90 -9.81
C PRO B 146 -5.89 21.58 -8.35
N ARG B 147 -5.31 20.46 -7.88
CA ARG B 147 -5.65 19.93 -6.56
C ARG B 147 -5.18 20.86 -5.44
N GLU B 148 -3.97 21.40 -5.55
CA GLU B 148 -3.40 22.15 -4.44
C GLU B 148 -4.09 23.50 -4.28
N ALA B 149 -4.43 23.84 -3.04
CA ALA B 149 -5.15 25.07 -2.72
C ALA B 149 -4.72 25.55 -1.35
N LYS B 150 -4.68 26.88 -1.21
CA LYS B 150 -4.28 27.50 0.05
C LYS B 150 -5.51 28.11 0.70
N VAL B 151 -5.84 27.62 1.90
CA VAL B 151 -6.98 28.10 2.66
C VAL B 151 -6.46 28.81 3.91
N GLN B 152 -6.84 30.06 4.08
CA GLN B 152 -6.46 30.85 5.24
C GLN B 152 -7.72 31.35 5.93
N TRP B 153 -7.68 31.42 7.26
CA TRP B 153 -8.81 31.85 8.05
C TRP B 153 -8.42 33.05 8.91
N LYS B 154 -9.36 33.99 9.03
CA LYS B 154 -9.14 35.20 9.81
C LYS B 154 -10.29 35.40 10.78
N VAL B 155 -9.97 35.74 12.02
CA VAL B 155 -10.95 36.14 13.02
C VAL B 155 -10.69 37.60 13.32
N ASP B 156 -11.55 38.48 12.79
CA ASP B 156 -11.38 39.93 12.87
C ASP B 156 -9.99 40.36 12.41
N ASN B 157 -9.67 39.95 11.18
CA ASN B 157 -8.43 40.28 10.48
C ASN B 157 -7.19 39.73 11.18
N ALA B 158 -7.34 38.71 12.03
CA ALA B 158 -6.22 38.07 12.70
C ALA B 158 -6.05 36.65 12.17
N LEU B 159 -4.83 36.33 11.75
CA LEU B 159 -4.57 35.02 11.16
C LEU B 159 -4.78 33.91 12.17
N GLN B 160 -5.24 32.76 11.68
CA GLN B 160 -5.63 31.64 12.52
C GLN B 160 -4.81 30.40 12.17
N SER B 161 -4.63 29.53 13.16
CA SER B 161 -3.90 28.28 12.98
C SER B 161 -4.35 27.30 14.04
N GLY B 162 -4.85 26.14 13.60
CA GLY B 162 -5.26 25.08 14.50
C GLY B 162 -6.74 25.02 14.82
N ASN B 163 -7.50 26.08 14.57
CA ASN B 163 -8.93 26.09 14.80
C ASN B 163 -9.73 25.83 13.53
N SER B 164 -9.05 25.48 12.44
CA SER B 164 -9.72 25.24 11.17
C SER B 164 -8.88 24.27 10.35
N GLN B 165 -9.53 23.61 9.40
CA GLN B 165 -8.85 22.61 8.58
C GLN B 165 -9.50 22.51 7.21
N GLU B 166 -8.81 21.79 6.32
CA GLU B 166 -9.24 21.56 4.95
C GLU B 166 -9.29 20.07 4.66
N SER B 167 -10.14 19.70 3.72
CA SER B 167 -10.29 18.31 3.29
C SER B 167 -10.66 18.29 1.81
N VAL B 168 -9.93 17.50 1.03
CA VAL B 168 -10.10 17.44 -0.41
C VAL B 168 -10.46 16.03 -0.82
N THR B 169 -10.97 15.89 -2.05
CA THR B 169 -11.33 14.59 -2.60
C THR B 169 -10.29 14.14 -3.62
N GLU B 170 -10.56 13.00 -4.24
CA GLU B 170 -9.67 12.42 -5.24
C GLU B 170 -10.04 12.93 -6.63
N GLN B 171 -9.42 12.34 -7.65
CA GLN B 171 -9.71 12.71 -9.02
C GLN B 171 -10.89 11.91 -9.54
N ASP B 172 -11.81 12.59 -10.23
CA ASP B 172 -13.00 11.95 -10.76
C ASP B 172 -12.66 11.26 -12.08
N SER B 173 -13.70 10.80 -12.79
CA SER B 173 -13.52 10.18 -14.10
C SER B 173 -14.30 10.86 -15.21
N LYS B 174 -15.27 11.72 -14.90
CA LYS B 174 -16.02 12.44 -15.91
C LYS B 174 -15.41 13.81 -16.19
N ASP B 175 -15.33 14.66 -15.16
CA ASP B 175 -14.74 15.98 -15.30
C ASP B 175 -13.30 16.05 -14.80
N SER B 176 -12.89 15.10 -13.96
CA SER B 176 -11.52 15.02 -13.43
C SER B 176 -11.13 16.31 -12.70
N THR B 177 -11.85 16.58 -11.61
CA THR B 177 -11.65 17.79 -10.82
C THR B 177 -11.42 17.41 -9.36
N TYR B 178 -11.40 18.43 -8.51
CA TYR B 178 -11.26 18.24 -7.06
C TYR B 178 -12.19 19.19 -6.32
N SER B 179 -12.65 18.76 -5.16
CA SER B 179 -13.52 19.55 -4.30
C SER B 179 -12.91 19.62 -2.90
N LEU B 180 -12.98 20.81 -2.30
CA LEU B 180 -12.38 21.04 -0.99
C LEU B 180 -13.40 21.68 -0.06
N SER B 181 -13.33 21.30 1.21
CA SER B 181 -14.11 21.90 2.26
C SER B 181 -13.17 22.36 3.36
N SER B 182 -13.57 23.40 4.07
CA SER B 182 -12.81 23.94 5.19
C SER B 182 -13.76 24.12 6.36
N THR B 183 -13.37 23.61 7.51
CA THR B 183 -14.18 23.69 8.72
C THR B 183 -13.48 24.60 9.72
N LEU B 184 -14.21 25.59 10.22
CA LEU B 184 -13.76 26.46 11.31
C LEU B 184 -14.69 26.21 12.50
N THR B 185 -14.14 25.61 13.55
CA THR B 185 -14.90 25.27 14.74
C THR B 185 -14.58 26.27 15.84
N LEU B 186 -15.59 27.02 16.29
CA LEU B 186 -15.39 28.02 17.32
C LEU B 186 -16.38 27.81 18.46
N SER B 187 -15.88 27.91 19.69
CA SER B 187 -16.73 27.84 20.86
C SER B 187 -17.66 29.06 20.89
N LYS B 188 -18.88 28.85 21.38
CA LYS B 188 -19.93 29.87 21.27
C LYS B 188 -19.51 31.17 21.94
N ALA B 189 -18.87 31.08 23.10
CA ALA B 189 -18.34 32.29 23.74
C ALA B 189 -17.31 32.97 22.86
N ASP B 190 -16.40 32.19 22.26
CA ASP B 190 -15.42 32.75 21.34
C ASP B 190 -16.03 33.08 19.97
N TYR B 191 -17.00 32.28 19.53
CA TYR B 191 -17.60 32.52 18.21
C TYR B 191 -18.41 33.81 18.19
N GLU B 192 -19.10 34.12 19.30
CA GLU B 192 -19.95 35.30 19.36
C GLU B 192 -19.27 36.48 20.05
N LYS B 193 -17.94 36.60 19.90
CA LYS B 193 -17.20 37.78 20.34
C LYS B 193 -16.65 38.60 19.19
N HIS B 194 -16.48 38.01 18.01
CA HIS B 194 -15.96 38.69 16.84
C HIS B 194 -16.98 38.60 15.71
N LYS B 195 -16.77 39.42 14.68
CA LYS B 195 -17.72 39.57 13.59
C LYS B 195 -17.20 38.99 12.28
N VAL B 196 -16.03 39.43 11.83
CA VAL B 196 -15.51 39.02 10.53
C VAL B 196 -14.78 37.69 10.69
N TYR B 197 -15.28 36.65 10.01
CA TYR B 197 -14.64 35.34 9.98
C TYR B 197 -14.33 35.03 8.52
N ALA B 198 -13.17 35.49 8.09
CA ALA B 198 -12.81 35.48 6.67
C ALA B 198 -12.23 34.14 6.25
N CYS B 199 -12.65 33.67 5.07
CA CYS B 199 -12.09 32.48 4.42
C CYS B 199 -11.37 32.94 3.16
N GLU B 200 -10.10 33.30 3.32
CA GLU B 200 -9.28 33.67 2.18
C GLU B 200 -8.76 32.41 1.50
N VAL B 201 -8.66 32.45 0.18
CA VAL B 201 -8.12 31.35 -0.60
C VAL B 201 -7.09 31.89 -1.57
N THR B 202 -5.87 31.40 -1.45
CA THR B 202 -4.83 31.63 -2.45
C THR B 202 -4.76 30.40 -3.36
N HIS B 203 -4.73 30.64 -4.67
CA HIS B 203 -4.82 29.55 -5.62
C HIS B 203 -4.15 29.97 -6.92
N GLN B 204 -3.86 28.96 -7.75
CA GLN B 204 -3.39 29.23 -9.11
C GLN B 204 -4.52 29.79 -9.98
N GLY B 205 -5.75 29.32 -9.77
CA GLY B 205 -6.88 29.80 -10.54
C GLY B 205 -7.31 31.20 -10.17
N LEU B 206 -6.97 31.67 -8.97
CA LEU B 206 -7.26 33.02 -8.54
C LEU B 206 -6.00 33.88 -8.73
N SER B 207 -6.12 34.92 -9.56
CA SER B 207 -4.99 35.82 -9.77
C SER B 207 -4.57 36.49 -8.46
N SER B 208 -5.54 36.91 -7.67
CA SER B 208 -5.31 37.39 -6.32
C SER B 208 -6.29 36.72 -5.37
N PRO B 209 -5.87 36.43 -4.14
CA PRO B 209 -6.80 35.86 -3.16
C PRO B 209 -7.96 36.81 -2.88
N VAL B 210 -9.16 36.25 -2.76
CA VAL B 210 -10.36 37.02 -2.46
C VAL B 210 -11.08 36.30 -1.32
N THR B 211 -11.32 37.02 -0.24
CA THR B 211 -11.89 36.44 0.97
C THR B 211 -13.37 36.79 1.11
N LYS B 212 -14.08 35.92 1.82
CA LYS B 212 -15.52 36.05 2.00
C LYS B 212 -15.86 35.74 3.45
N SER B 213 -16.67 36.58 4.07
CA SER B 213 -17.06 36.38 5.45
C SER B 213 -18.51 36.82 5.65
N PHE B 214 -19.11 36.31 6.72
CA PHE B 214 -20.40 36.78 7.19
C PHE B 214 -20.24 37.47 8.53
N ASN B 215 -21.20 38.33 8.85
CA ASN B 215 -21.19 39.12 10.07
C ASN B 215 -22.26 38.59 11.01
N ARG B 216 -21.99 38.66 12.31
CA ARG B 216 -22.90 38.11 13.30
C ARG B 216 -24.15 38.99 13.41
N GLY B 217 -25.21 38.60 12.70
CA GLY B 217 -26.44 39.37 12.72
C GLY B 217 -27.04 39.63 11.34
N GLU B 218 -26.51 38.99 10.31
CA GLU B 218 -27.04 39.13 8.97
C GLU B 218 -27.21 37.76 8.33
N CYS B 219 -28.24 37.63 7.50
CA CYS B 219 -28.53 36.36 6.84
C CYS B 219 -28.00 36.33 5.42
N GLU C 6 -15.29 -17.69 -10.22
CA GLU C 6 -14.41 -16.59 -9.86
C GLU C 6 -13.87 -16.75 -8.43
N VAL C 7 -12.76 -16.09 -8.15
CA VAL C 7 -12.10 -16.18 -6.85
C VAL C 7 -12.43 -14.93 -6.04
N LYS C 8 -12.91 -15.12 -4.82
CA LYS C 8 -13.22 -14.02 -3.92
C LYS C 8 -12.65 -14.32 -2.54
N LEU C 9 -12.26 -13.26 -1.83
CA LEU C 9 -11.66 -13.36 -0.49
C LEU C 9 -12.54 -12.58 0.48
N VAL C 10 -13.55 -13.25 1.02
CA VAL C 10 -14.50 -12.61 1.93
C VAL C 10 -13.80 -12.25 3.23
N GLU C 11 -14.22 -11.13 3.83
CA GLU C 11 -13.56 -10.58 5.00
C GLU C 11 -14.59 -10.15 6.03
N SER C 12 -14.28 -10.37 7.31
CA SER C 12 -15.16 -9.96 8.40
C SER C 12 -14.37 -9.89 9.71
N GLY C 13 -14.95 -9.20 10.69
CA GLY C 13 -14.36 -9.08 12.01
C GLY C 13 -13.67 -7.77 12.33
N GLU C 14 -14.33 -6.65 12.05
CA GLU C 14 -13.80 -5.34 12.37
C GLU C 14 -14.14 -4.96 13.81
N GLY C 15 -13.48 -3.91 14.30
CA GLY C 15 -13.75 -3.39 15.63
C GLY C 15 -12.67 -2.48 16.19
N LEU C 16 -13.09 -1.39 16.83
CA LEU C 16 -12.15 -0.53 17.53
C LEU C 16 -11.58 -1.24 18.75
N VAL C 17 -10.30 -1.02 19.00
CA VAL C 17 -9.61 -1.71 20.08
C VAL C 17 -8.82 -0.69 20.91
N LYS C 18 -8.96 -0.78 22.22
CA LYS C 18 -8.11 -0.01 23.12
C LYS C 18 -6.73 -0.66 23.17
N PRO C 19 -5.68 0.14 23.35
CA PRO C 19 -4.32 -0.44 23.41
C PRO C 19 -4.19 -1.50 24.50
N GLY C 20 -3.50 -2.59 24.14
CA GLY C 20 -3.42 -3.74 25.02
C GLY C 20 -4.50 -4.78 24.80
N GLY C 21 -5.22 -4.72 23.68
CA GLY C 21 -6.30 -5.64 23.43
C GLY C 21 -5.96 -6.72 22.43
N SER C 22 -6.96 -7.20 21.69
CA SER C 22 -6.79 -8.28 20.73
C SER C 22 -8.03 -8.38 19.87
N LEU C 23 -7.84 -8.73 18.60
CA LEU C 23 -8.93 -9.04 17.70
C LEU C 23 -8.59 -10.25 16.84
N LYS C 24 -9.62 -10.96 16.42
CA LYS C 24 -9.50 -12.09 15.51
C LYS C 24 -10.08 -11.67 14.17
N LEU C 25 -9.22 -11.43 13.20
CA LEU C 25 -9.65 -11.06 11.85
C LEU C 25 -9.95 -12.33 11.08
N SER C 26 -11.15 -12.39 10.49
CA SER C 26 -11.65 -13.59 9.82
C SER C 26 -11.68 -13.37 8.32
N CYS C 27 -11.10 -14.30 7.57
CA CYS C 27 -11.07 -14.22 6.12
C CYS C 27 -11.34 -15.60 5.54
N ALA C 28 -12.25 -15.65 4.56
CA ALA C 28 -12.59 -16.88 3.87
C ALA C 28 -12.37 -16.71 2.38
N ALA C 29 -12.41 -17.83 1.65
CA ALA C 29 -12.10 -17.82 0.23
C ALA C 29 -13.22 -18.50 -0.54
N SER C 30 -13.18 -18.32 -1.87
CA SER C 30 -14.12 -19.00 -2.75
C SER C 30 -13.56 -19.04 -4.17
N GLY C 31 -13.68 -20.20 -4.81
CA GLY C 31 -13.43 -20.34 -6.22
C GLY C 31 -12.22 -21.16 -6.64
N PHE C 32 -11.58 -21.89 -5.74
CA PHE C 32 -10.36 -22.62 -6.10
C PHE C 32 -10.17 -23.76 -5.10
N THR C 33 -8.97 -24.36 -5.12
CA THR C 33 -8.58 -25.41 -4.18
C THR C 33 -7.64 -24.78 -3.15
N PHE C 34 -8.06 -24.80 -1.89
CA PHE C 34 -7.35 -24.03 -0.87
C PHE C 34 -5.99 -24.64 -0.54
N SER C 35 -5.91 -25.97 -0.53
CA SER C 35 -4.69 -26.63 -0.04
C SER C 35 -3.48 -26.36 -0.92
N SER C 36 -3.68 -25.88 -2.14
CA SER C 36 -2.58 -25.64 -3.07
C SER C 36 -2.14 -24.19 -3.11
N TYR C 37 -2.72 -23.32 -2.28
CA TYR C 37 -2.39 -21.90 -2.29
C TYR C 37 -2.18 -21.41 -0.86
N ALA C 38 -1.08 -20.71 -0.63
CA ALA C 38 -0.84 -20.04 0.65
C ALA C 38 -1.59 -18.72 0.69
N MET C 39 -1.59 -18.10 1.87
CA MET C 39 -2.29 -16.84 2.07
C MET C 39 -1.41 -15.88 2.86
N SER C 40 -1.71 -14.60 2.73
CA SER C 40 -0.97 -13.57 3.44
C SER C 40 -1.92 -12.46 3.85
N TRP C 41 -1.48 -11.67 4.83
CA TRP C 41 -2.21 -10.51 5.30
C TRP C 41 -1.37 -9.27 5.06
N VAL C 42 -1.96 -8.28 4.38
CA VAL C 42 -1.30 -7.02 4.09
C VAL C 42 -2.23 -5.89 4.54
N ARG C 43 -1.67 -4.86 5.17
CA ARG C 43 -2.46 -3.71 5.57
C ARG C 43 -2.20 -2.56 4.59
N GLN C 44 -3.27 -2.05 3.99
CA GLN C 44 -3.23 -0.82 3.21
C GLN C 44 -3.72 0.30 4.12
N THR C 45 -2.80 1.09 4.67
CA THR C 45 -3.19 2.29 5.37
C THR C 45 -3.91 3.19 4.37
N PRO C 46 -5.07 3.78 4.75
CA PRO C 46 -5.96 4.40 3.74
C PRO C 46 -5.28 5.45 2.89
N GLU C 47 -5.11 5.13 1.60
CA GLU C 47 -4.39 5.96 0.65
C GLU C 47 -3.02 6.34 1.19
N LYS C 48 -2.33 5.38 1.78
CA LYS C 48 -1.07 5.64 2.47
C LYS C 48 -0.19 4.40 2.36
N ARG C 49 0.83 4.33 3.21
CA ARG C 49 1.88 3.32 3.14
C ARG C 49 1.35 1.91 3.34
N LEU C 50 1.49 1.07 2.32
CA LEU C 50 1.20 -0.34 2.48
C LEU C 50 2.21 -0.99 3.41
N ASP C 51 1.80 -2.06 4.08
CA ASP C 51 2.69 -2.81 4.95
C ASP C 51 2.27 -4.27 4.96
N TRP C 52 3.25 -5.16 4.81
CA TRP C 52 3.00 -6.59 4.79
C TRP C 52 2.90 -7.09 6.23
N VAL C 53 1.72 -7.56 6.62
CA VAL C 53 1.50 -7.97 8.01
C VAL C 53 2.07 -9.36 8.25
N ALA C 54 1.55 -10.37 7.55
CA ALA C 54 1.85 -11.74 7.93
C ALA C 54 1.83 -12.66 6.72
N TYR C 55 2.54 -13.79 6.87
CA TYR C 55 2.55 -14.86 5.89
C TYR C 55 2.29 -16.18 6.59
N ILE C 56 1.53 -17.05 5.95
CA ILE C 56 1.30 -18.41 6.41
C ILE C 56 1.39 -19.34 5.19
N SER C 57 2.03 -20.49 5.38
CA SER C 57 2.13 -21.45 4.30
C SER C 57 0.77 -22.06 3.97
N SER C 58 0.70 -22.72 2.82
CA SER C 58 -0.55 -23.36 2.41
C SER C 58 -0.93 -24.49 3.36
N GLY C 59 0.06 -25.12 3.99
CA GLY C 59 -0.21 -26.12 5.00
C GLY C 59 -0.36 -25.51 6.38
N GLY C 60 0.60 -24.68 6.77
CA GLY C 60 0.56 -24.05 8.08
C GLY C 60 1.79 -24.33 8.90
N ASP C 61 2.83 -24.85 8.25
CA ASP C 61 4.08 -25.20 8.94
C ASP C 61 5.10 -24.07 8.91
N HIS C 62 5.10 -23.23 7.87
CA HIS C 62 6.01 -22.10 7.77
C HIS C 62 5.24 -20.82 8.08
N ILE C 63 5.72 -20.06 9.06
CA ILE C 63 4.99 -18.91 9.60
C ILE C 63 5.98 -17.83 10.01
N TYR C 64 5.97 -16.70 9.30
CA TYR C 64 6.86 -15.57 9.57
C TYR C 64 6.08 -14.27 9.71
N TYR C 65 6.67 -13.32 10.44
CA TYR C 65 6.08 -12.02 10.67
C TYR C 65 7.14 -10.94 10.52
N ALA C 66 6.70 -9.76 10.09
CA ALA C 66 7.61 -8.62 10.00
C ALA C 66 7.95 -8.12 11.40
N ASP C 67 8.97 -7.25 11.46
CA ASP C 67 9.43 -6.73 12.73
C ASP C 67 8.38 -5.89 13.46
N THR C 68 7.47 -5.26 12.71
CA THR C 68 6.46 -4.41 13.34
C THR C 68 5.31 -5.19 13.93
N VAL C 69 5.14 -6.47 13.56
CA VAL C 69 3.99 -7.26 14.00
C VAL C 69 4.43 -8.49 14.80
N LYS C 70 5.68 -8.94 14.64
CA LYS C 70 6.14 -10.11 15.37
C LYS C 70 6.18 -9.83 16.87
N GLY C 71 5.84 -10.83 17.66
CA GLY C 71 5.65 -10.66 19.09
C GLY C 71 4.28 -10.15 19.48
N ARG C 72 3.41 -9.92 18.50
CA ARG C 72 2.06 -9.44 18.76
C ARG C 72 0.99 -10.19 17.99
N PHE C 73 1.35 -10.99 16.99
CA PHE C 73 0.40 -11.60 16.07
C PHE C 73 0.59 -13.11 16.09
N THR C 74 -0.50 -13.83 15.89
CA THR C 74 -0.45 -15.24 15.51
C THR C 74 -1.45 -15.44 14.38
N ILE C 75 -1.18 -16.42 13.54
CA ILE C 75 -2.05 -16.68 12.40
C ILE C 75 -2.29 -18.18 12.29
N SER C 76 -3.40 -18.54 11.66
CA SER C 76 -3.72 -19.94 11.47
C SER C 76 -4.70 -20.07 10.33
N ARG C 77 -4.82 -21.29 9.82
CA ARG C 77 -5.78 -21.58 8.75
C ARG C 77 -6.12 -23.07 8.81
N ASP C 78 -7.35 -23.38 8.39
CA ASP C 78 -7.80 -24.76 8.23
C ASP C 78 -8.05 -25.01 6.75
N ASN C 79 -7.46 -26.09 6.22
CA ASN C 79 -7.59 -26.39 4.80
C ASN C 79 -9.03 -26.73 4.45
N ALA C 80 -9.67 -27.58 5.26
CA ALA C 80 -11.04 -27.99 4.98
C ALA C 80 -12.04 -26.88 5.28
N ARG C 81 -11.83 -26.16 6.39
CA ARG C 81 -12.81 -25.14 6.79
C ARG C 81 -12.78 -23.94 5.86
N ASN C 82 -11.65 -23.71 5.19
CA ASN C 82 -11.52 -22.67 4.16
C ASN C 82 -11.65 -21.27 4.75
N THR C 83 -11.20 -21.07 5.99
CA THR C 83 -11.28 -19.77 6.65
C THR C 83 -9.95 -19.48 7.35
N LEU C 84 -9.33 -18.35 7.00
CA LEU C 84 -8.15 -17.89 7.71
C LEU C 84 -8.53 -17.34 9.09
N TYR C 85 -7.52 -17.15 9.92
CA TYR C 85 -7.69 -16.48 11.20
C TYR C 85 -6.40 -15.74 11.52
N LEU C 86 -6.47 -14.41 11.62
CA LEU C 86 -5.36 -13.61 12.12
C LEU C 86 -5.71 -13.17 13.54
N GLN C 87 -5.15 -13.86 14.53
CA GLN C 87 -5.43 -13.57 15.94
C GLN C 87 -4.31 -12.66 16.43
N MET C 88 -4.62 -11.37 16.58
CA MET C 88 -3.62 -10.35 16.83
C MET C 88 -3.88 -9.66 18.16
N SER C 89 -2.81 -9.38 18.90
CA SER C 89 -2.92 -8.88 20.28
C SER C 89 -1.76 -7.93 20.56
N SER C 90 -1.70 -7.46 21.81
CA SER C 90 -0.63 -6.61 22.32
C SER C 90 -0.50 -5.33 21.47
N LEU C 91 -1.58 -4.56 21.47
CA LEU C 91 -1.71 -3.43 20.55
C LEU C 91 -0.78 -2.30 20.96
N LYS C 92 -0.21 -1.62 19.96
CA LYS C 92 0.73 -0.53 20.21
C LYS C 92 0.94 0.26 18.93
N SER C 93 1.22 1.55 19.09
CA SER C 93 1.69 2.44 18.02
C SER C 93 0.66 2.55 16.88
N GLU C 94 -0.49 3.11 17.25
CA GLU C 94 -1.52 3.54 16.30
C GLU C 94 -2.10 2.40 15.48
N ASP C 95 -1.29 1.85 14.57
CA ASP C 95 -1.63 0.64 13.82
C ASP C 95 -2.84 0.83 12.92
N THR C 96 -3.41 2.03 12.89
CA THR C 96 -4.66 2.27 12.20
C THR C 96 -4.46 2.08 10.70
N ALA C 97 -4.97 0.97 10.18
CA ALA C 97 -4.73 0.59 8.80
C ALA C 97 -5.99 0.00 8.21
N MET C 98 -5.86 -0.45 6.96
CA MET C 98 -6.93 -1.07 6.19
C MET C 98 -6.47 -2.50 5.93
N TYR C 99 -6.72 -3.38 6.91
CA TYR C 99 -6.17 -4.73 6.86
C TYR C 99 -6.89 -5.54 5.80
N TYR C 100 -6.17 -6.45 5.14
CA TYR C 100 -6.71 -7.02 3.91
C TYR C 100 -6.04 -8.36 3.69
N CYS C 101 -6.83 -9.43 3.58
CA CYS C 101 -6.30 -10.76 3.31
C CYS C 101 -6.17 -10.96 1.80
N THR C 102 -5.00 -11.40 1.37
CA THR C 102 -4.74 -11.62 -0.04
C THR C 102 -4.09 -12.97 -0.24
N ARG C 103 -4.39 -13.59 -1.38
CA ARG C 103 -3.79 -14.88 -1.72
C ARG C 103 -2.42 -14.57 -2.32
N ASP C 104 -1.42 -14.55 -1.45
CA ASP C 104 -0.06 -14.54 -1.97
C ASP C 104 0.34 -15.97 -2.31
N THR C 105 1.01 -16.13 -3.44
CA THR C 105 1.44 -17.45 -3.86
C THR C 105 2.71 -17.75 -3.09
N GLY C 106 2.54 -18.19 -1.84
CA GLY C 106 3.63 -18.39 -0.93
C GLY C 106 4.50 -19.57 -1.31
N TYR C 107 5.32 -19.99 -0.35
CA TYR C 107 6.40 -20.93 -0.61
C TYR C 107 5.88 -22.18 -1.32
N TYR C 108 6.70 -22.67 -2.25
CA TYR C 108 6.44 -23.54 -3.39
C TYR C 108 5.88 -22.75 -4.59
N VAL C 109 5.58 -21.45 -4.45
CA VAL C 109 5.40 -20.51 -5.56
C VAL C 109 6.00 -19.18 -5.09
N SER C 110 6.13 -18.20 -5.98
CA SER C 110 6.76 -16.93 -5.65
C SER C 110 5.71 -15.88 -5.26
N ARG C 111 6.09 -15.01 -4.31
CA ARG C 111 5.14 -14.07 -3.70
C ARG C 111 4.60 -13.06 -4.70
N TYR C 112 3.27 -13.01 -4.81
CA TYR C 112 2.59 -12.15 -5.77
C TYR C 112 1.53 -11.27 -5.11
N PHE C 113 0.85 -11.79 -4.07
CA PHE C 113 -0.42 -11.24 -3.59
C PHE C 113 -1.39 -10.99 -4.74
N ASP C 114 -1.77 -12.08 -5.39
CA ASP C 114 -2.51 -12.06 -6.65
C ASP C 114 -3.88 -11.43 -6.44
N VAL C 115 -4.76 -12.08 -5.69
CA VAL C 115 -6.16 -11.67 -5.62
C VAL C 115 -6.47 -11.16 -4.22
N TRP C 116 -7.32 -10.14 -4.16
CA TRP C 116 -7.75 -9.53 -2.91
C TRP C 116 -9.28 -9.54 -2.86
N GLY C 117 -9.81 -9.45 -1.65
CA GLY C 117 -11.25 -9.50 -1.46
C GLY C 117 -11.88 -8.14 -1.14
N THR C 118 -12.54 -8.04 0.01
CA THR C 118 -13.19 -6.80 0.42
C THR C 118 -12.41 -6.01 1.46
N GLY C 119 -11.79 -6.68 2.43
CA GLY C 119 -10.97 -6.02 3.41
C GLY C 119 -11.75 -5.50 4.60
N THR C 120 -11.03 -5.33 5.72
CA THR C 120 -11.60 -4.84 6.96
C THR C 120 -10.72 -3.73 7.52
N THR C 121 -11.30 -2.94 8.42
CA THR C 121 -10.63 -1.78 8.99
C THR C 121 -10.29 -2.03 10.45
N VAL C 122 -9.14 -1.50 10.87
CA VAL C 122 -8.69 -1.61 12.26
C VAL C 122 -8.40 -0.20 12.76
N THR C 123 -8.98 0.14 13.91
CA THR C 123 -8.80 1.45 14.54
C THR C 123 -8.37 1.25 15.98
N VAL C 124 -7.37 2.03 16.41
CA VAL C 124 -6.87 1.97 17.78
C VAL C 124 -6.91 3.39 18.33
N SER C 125 -7.93 3.68 19.14
CA SER C 125 -8.07 4.99 19.76
C SER C 125 -8.41 4.84 21.24
N SER C 126 -8.77 5.95 21.88
CA SER C 126 -9.09 5.97 23.31
C SER C 126 -10.59 6.06 23.57
N ALA C 127 -11.32 6.84 22.77
CA ALA C 127 -12.76 6.96 22.94
C ALA C 127 -13.46 5.69 22.45
N SER C 128 -14.78 5.69 22.52
CA SER C 128 -15.60 4.53 22.16
C SER C 128 -16.53 4.90 21.01
N THR C 129 -17.42 3.97 20.69
CA THR C 129 -18.37 4.16 19.60
C THR C 129 -19.31 5.32 19.90
N LYS C 130 -19.55 6.16 18.90
CA LYS C 130 -20.32 7.38 19.09
C LYS C 130 -21.09 7.71 17.82
N GLY C 131 -22.25 8.33 18.00
CA GLY C 131 -23.13 8.65 16.89
C GLY C 131 -22.95 10.07 16.38
N PRO C 132 -23.13 10.25 15.08
CA PRO C 132 -22.93 11.57 14.47
C PRO C 132 -24.07 12.54 14.75
N SER C 133 -23.82 13.79 14.43
CA SER C 133 -24.83 14.85 14.38
C SER C 133 -24.75 15.50 13.00
N VAL C 134 -25.89 15.64 12.35
CA VAL C 134 -25.94 16.01 10.94
C VAL C 134 -26.64 17.36 10.81
N PHE C 135 -26.04 18.25 10.04
CA PHE C 135 -26.54 19.61 9.85
C PHE C 135 -26.48 19.98 8.37
N PRO C 136 -27.61 20.38 7.79
CA PRO C 136 -27.63 20.68 6.36
C PRO C 136 -27.01 22.04 6.08
N LEU C 137 -26.85 22.33 4.79
CA LEU C 137 -26.29 23.60 4.34
C LEU C 137 -27.45 24.47 3.87
N ALA C 138 -27.87 25.41 4.71
CA ALA C 138 -28.99 26.28 4.37
C ALA C 138 -28.60 27.23 3.26
N PRO C 139 -29.13 27.04 2.05
CA PRO C 139 -28.66 27.82 0.90
C PRO C 139 -29.29 29.21 0.82
N SER C 140 -28.54 30.13 0.23
CA SER C 140 -28.95 31.52 0.07
C SER C 140 -29.37 31.76 -1.37
N SER C 141 -30.57 32.31 -1.55
CA SER C 141 -31.05 32.63 -2.89
C SER C 141 -30.45 33.91 -3.44
N LYS C 142 -29.88 34.75 -2.56
CA LYS C 142 -29.33 36.02 -3.01
C LYS C 142 -28.05 35.82 -3.81
N SER C 143 -27.19 34.91 -3.37
CA SER C 143 -25.90 34.69 -4.02
C SER C 143 -26.02 34.03 -5.39
N THR C 144 -27.16 33.40 -5.69
CA THR C 144 -27.32 32.74 -6.98
C THR C 144 -27.41 33.74 -8.12
N SER C 145 -28.14 34.85 -7.92
CA SER C 145 -28.39 35.85 -8.95
C SER C 145 -29.00 35.22 -10.20
N GLY C 146 -29.89 34.26 -10.00
CA GLY C 146 -30.48 33.52 -11.10
C GLY C 146 -29.57 32.47 -11.72
N GLY C 147 -28.47 32.13 -11.06
CA GLY C 147 -27.51 31.20 -11.61
C GLY C 147 -27.54 29.82 -10.96
N THR C 148 -26.53 29.53 -10.15
CA THR C 148 -26.36 28.21 -9.55
C THR C 148 -25.99 28.37 -8.08
N ALA C 149 -26.48 27.45 -7.24
CA ALA C 149 -26.20 27.45 -5.82
C ALA C 149 -25.81 26.05 -5.35
N ALA C 150 -24.95 25.99 -4.34
CA ALA C 150 -24.43 24.75 -3.80
C ALA C 150 -24.75 24.63 -2.32
N LEU C 151 -24.91 23.39 -1.87
CA LEU C 151 -25.22 23.08 -0.48
C LEU C 151 -24.88 21.60 -0.24
N GLY C 152 -25.18 21.13 0.96
CA GLY C 152 -24.84 19.76 1.30
C GLY C 152 -25.33 19.39 2.69
N CYS C 153 -24.68 18.40 3.28
CA CYS C 153 -25.09 17.88 4.59
C CYS C 153 -23.85 17.49 5.39
N LEU C 154 -23.41 18.36 6.30
CA LEU C 154 -22.25 18.07 7.14
C LEU C 154 -22.63 17.03 8.18
N VAL C 155 -21.76 16.04 8.38
CA VAL C 155 -22.02 14.93 9.29
C VAL C 155 -20.84 14.88 10.26
N LYS C 156 -21.00 15.52 11.42
CA LYS C 156 -19.92 15.70 12.37
C LYS C 156 -19.97 14.63 13.46
N ASP C 157 -18.80 14.35 14.03
CA ASP C 157 -18.66 13.67 15.32
C ASP C 157 -19.20 12.23 15.30
N TYR C 158 -18.57 11.38 14.49
CA TYR C 158 -18.88 9.95 14.48
C TYR C 158 -17.60 9.12 14.51
N PHE C 159 -17.72 7.90 15.05
CA PHE C 159 -16.60 6.99 15.26
C PHE C 159 -17.12 5.55 15.30
N PRO C 160 -16.61 4.63 14.46
CA PRO C 160 -15.62 4.80 13.38
C PRO C 160 -16.21 5.39 12.10
N GLU C 161 -15.59 5.18 10.94
CA GLU C 161 -15.83 6.00 9.76
C GLU C 161 -16.21 5.18 8.52
N PRO C 162 -17.40 4.56 8.49
CA PRO C 162 -18.02 4.24 7.20
C PRO C 162 -19.03 5.30 6.79
N VAL C 163 -19.25 5.50 5.49
CA VAL C 163 -20.16 6.53 5.01
C VAL C 163 -20.99 5.99 3.84
N THR C 164 -22.21 6.52 3.72
CA THR C 164 -22.95 6.53 2.47
C THR C 164 -23.35 7.96 2.18
N VAL C 165 -23.76 8.22 0.94
CA VAL C 165 -23.80 9.59 0.46
C VAL C 165 -25.15 9.89 -0.20
N SER C 166 -25.99 8.87 -0.34
CA SER C 166 -27.25 9.01 -1.07
C SER C 166 -28.16 10.06 -0.43
N TRP C 167 -28.77 10.88 -1.28
CA TRP C 167 -29.73 11.90 -0.87
C TRP C 167 -31.17 11.37 -1.00
N ASN C 168 -32.15 12.28 -0.97
CA ASN C 168 -33.56 11.96 -0.82
C ASN C 168 -34.09 10.97 -1.86
N SER C 169 -34.42 9.76 -1.42
CA SER C 169 -35.10 8.73 -2.22
C SER C 169 -34.35 8.37 -3.49
N GLY C 170 -33.09 8.80 -3.61
CA GLY C 170 -32.33 8.58 -4.82
C GLY C 170 -32.75 9.41 -6.00
N ALA C 171 -33.77 10.25 -5.86
CA ALA C 171 -34.23 11.11 -6.95
C ALA C 171 -33.57 12.47 -6.90
N LEU C 172 -32.25 12.48 -6.77
CA LEU C 172 -31.45 13.70 -6.84
C LEU C 172 -30.20 13.44 -7.68
N THR C 173 -30.40 12.89 -8.88
CA THR C 173 -29.28 12.66 -9.79
C THR C 173 -28.54 13.95 -10.11
N SER C 174 -29.22 15.09 -10.01
CA SER C 174 -28.57 16.39 -10.11
C SER C 174 -27.94 16.72 -8.75
N GLY C 175 -26.61 16.66 -8.67
CA GLY C 175 -25.94 17.02 -7.45
C GLY C 175 -24.96 16.01 -6.87
N VAL C 176 -25.33 15.45 -5.71
CA VAL C 176 -24.41 14.65 -4.90
C VAL C 176 -23.97 13.40 -5.64
N HIS C 177 -22.66 13.15 -5.64
CA HIS C 177 -22.12 11.84 -5.99
C HIS C 177 -21.16 11.28 -4.96
N THR C 178 -20.24 12.09 -4.43
CA THR C 178 -19.26 11.63 -3.44
C THR C 178 -18.51 12.83 -2.85
N PHE C 179 -18.15 12.70 -1.56
CA PHE C 179 -17.22 13.62 -0.89
C PHE C 179 -16.59 12.97 0.33
N PRO C 180 -15.37 12.43 0.23
CA PRO C 180 -14.67 11.80 1.37
C PRO C 180 -13.73 12.70 2.19
N ALA C 181 -14.30 13.52 3.06
CA ALA C 181 -13.48 14.29 4.00
C ALA C 181 -12.84 13.35 5.02
N VAL C 182 -11.93 13.88 5.84
CA VAL C 182 -11.12 12.98 6.65
C VAL C 182 -11.34 13.08 8.17
N LEU C 183 -10.97 14.19 8.81
CA LEU C 183 -10.83 14.17 10.27
C LEU C 183 -10.42 15.55 10.79
N GLN C 184 -10.36 15.64 12.13
CA GLN C 184 -9.65 16.70 12.84
C GLN C 184 -8.73 16.07 13.88
N SER C 185 -8.12 16.91 14.71
CA SER C 185 -7.05 16.49 15.61
C SER C 185 -7.51 15.45 16.64
N SER C 186 -8.37 15.84 17.57
CA SER C 186 -8.82 14.91 18.60
C SER C 186 -10.29 15.06 18.99
N GLY C 187 -11.04 15.97 18.37
CA GLY C 187 -12.43 16.10 18.72
C GLY C 187 -13.25 14.92 18.22
N LEU C 188 -13.49 14.88 16.90
CA LEU C 188 -14.07 13.74 16.20
C LEU C 188 -14.07 13.98 14.69
N TYR C 189 -14.67 13.07 13.92
CA TYR C 189 -14.57 13.10 12.48
C TYR C 189 -15.79 13.78 11.84
N SER C 190 -15.63 14.20 10.57
CA SER C 190 -16.66 14.94 9.87
C SER C 190 -16.47 14.77 8.37
N LEU C 191 -17.58 14.65 7.64
CA LEU C 191 -17.58 14.70 6.18
C LEU C 191 -18.80 15.46 5.72
N SER C 192 -19.06 15.44 4.42
CA SER C 192 -20.16 16.18 3.81
C SER C 192 -20.36 15.67 2.38
N SER C 193 -21.17 16.39 1.61
CA SER C 193 -21.32 16.18 0.18
C SER C 193 -21.87 17.47 -0.43
N VAL C 194 -22.01 17.51 -1.75
CA VAL C 194 -22.35 18.76 -2.45
C VAL C 194 -23.41 18.51 -3.52
N VAL C 195 -24.45 19.33 -3.52
CA VAL C 195 -25.35 19.51 -4.65
C VAL C 195 -25.21 20.95 -5.13
N THR C 196 -25.05 21.12 -6.44
CA THR C 196 -24.89 22.43 -7.06
C THR C 196 -25.84 22.50 -8.25
N VAL C 197 -26.95 23.22 -8.08
CA VAL C 197 -28.03 23.21 -9.05
C VAL C 197 -28.56 24.62 -9.28
N PRO C 198 -29.29 24.87 -10.39
CA PRO C 198 -29.95 26.17 -10.58
C PRO C 198 -30.84 26.61 -9.43
N SER C 199 -31.20 27.88 -9.40
CA SER C 199 -31.87 28.50 -8.26
C SER C 199 -33.38 28.29 -8.27
N SER C 200 -33.91 27.49 -9.18
CA SER C 200 -35.33 27.15 -9.11
C SER C 200 -35.63 26.34 -7.85
N SER C 201 -34.74 25.42 -7.49
CA SER C 201 -34.84 24.73 -6.21
C SER C 201 -34.68 25.71 -5.05
N LEU C 202 -33.78 26.68 -5.20
CA LEU C 202 -33.69 27.77 -4.24
C LEU C 202 -34.98 28.57 -4.18
N GLY C 203 -35.70 28.65 -5.29
CA GLY C 203 -37.00 29.28 -5.30
C GLY C 203 -38.00 28.50 -4.47
N THR C 204 -38.39 27.31 -4.94
CA THR C 204 -39.36 26.48 -4.21
C THR C 204 -39.03 25.00 -4.47
N GLN C 205 -38.21 24.42 -3.58
CA GLN C 205 -37.95 22.98 -3.54
C GLN C 205 -37.06 22.70 -2.34
N THR C 206 -37.09 21.46 -1.86
CA THR C 206 -36.22 21.02 -0.77
C THR C 206 -36.05 19.51 -0.82
N TYR C 207 -34.96 19.04 -0.21
CA TYR C 207 -34.58 17.63 -0.25
C TYR C 207 -34.34 17.12 1.17
N ILE C 208 -33.96 15.85 1.26
CA ILE C 208 -33.39 15.26 2.46
C ILE C 208 -32.13 14.51 2.05
N CYS C 209 -31.29 14.23 3.04
CA CYS C 209 -30.04 13.50 2.83
C CYS C 209 -29.92 12.38 3.85
N ASN C 210 -29.57 11.18 3.38
CA ASN C 210 -29.43 10.05 4.27
C ASN C 210 -27.95 9.69 4.42
N VAL C 211 -27.57 9.38 5.66
CA VAL C 211 -26.18 9.05 6.01
C VAL C 211 -26.22 7.90 7.00
N ASN C 212 -25.36 6.90 6.79
CA ASN C 212 -25.32 5.71 7.63
C ASN C 212 -23.98 5.60 8.36
N HIS C 213 -24.02 4.89 9.48
CA HIS C 213 -22.82 4.54 10.24
C HIS C 213 -23.17 3.29 11.05
N LYS C 214 -22.77 2.13 10.53
CA LYS C 214 -23.21 0.83 11.03
C LYS C 214 -22.73 0.49 12.45
N PRO C 215 -21.44 0.69 12.82
CA PRO C 215 -21.05 0.38 14.20
C PRO C 215 -21.80 1.18 15.25
N SER C 216 -22.14 2.43 14.96
CA SER C 216 -23.06 3.18 15.82
C SER C 216 -24.50 3.03 15.38
N ASN C 217 -24.75 2.40 14.23
CA ASN C 217 -26.09 2.13 13.71
C ASN C 217 -26.91 3.41 13.60
N THR C 218 -26.33 4.44 12.98
CA THR C 218 -26.98 5.73 12.84
C THR C 218 -27.39 5.93 11.39
N LYS C 219 -28.69 6.14 11.16
CA LYS C 219 -29.23 6.38 9.82
C LYS C 219 -30.01 7.70 9.87
N VAL C 220 -29.39 8.77 9.40
CA VAL C 220 -29.94 10.12 9.52
C VAL C 220 -30.49 10.57 8.18
N ASP C 221 -31.73 11.03 8.18
CA ASP C 221 -32.36 11.69 7.04
C ASP C 221 -32.57 13.14 7.43
N LYS C 222 -31.59 13.97 7.12
CA LYS C 222 -31.64 15.39 7.46
C LYS C 222 -32.28 16.18 6.33
N LYS C 223 -33.32 16.94 6.64
CA LYS C 223 -34.04 17.71 5.64
C LYS C 223 -33.58 19.16 5.67
N VAL C 224 -33.56 19.78 4.48
CA VAL C 224 -32.97 21.10 4.29
C VAL C 224 -34.08 22.12 4.12
N GLU C 225 -33.92 23.27 4.79
CA GLU C 225 -34.81 24.41 4.67
C GLU C 225 -33.90 25.63 4.51
N PRO C 226 -34.14 26.48 3.52
CA PRO C 226 -33.35 27.72 3.40
C PRO C 226 -33.51 28.61 4.62
N LYS C 227 -32.42 29.26 5.02
CA LYS C 227 -32.41 30.12 6.19
C LYS C 227 -32.70 31.55 5.77
N SER C 228 -33.78 32.11 6.29
CA SER C 228 -34.13 33.50 6.04
C SER C 228 -33.59 34.38 7.17
#